data_1CMR
#
_entry.id   1CMR
#
_cell.length_a   1.000
_cell.length_b   1.000
_cell.length_c   1.000
_cell.angle_alpha   90.00
_cell.angle_beta   90.00
_cell.angle_gamma   90.00
#
_symmetry.space_group_name_H-M   'P 1'
#
_entity_poly.entity_id   1
_entity_poly.type   'polypeptide(L)'
_entity_poly.pdbx_seq_one_letter_code
;CTTSKECWSVCQRLHNTSKGWCDHRGCICES
;
_entity_poly.pdbx_strand_id   A
#
# COMPACT_ATOMS: atom_id res chain seq x y z
N CYS A 1 6.07 6.22 3.03
CA CYS A 1 6.33 4.78 3.32
C CYS A 1 7.64 4.60 4.04
N THR A 2 7.95 3.34 4.43
CA THR A 2 9.23 2.87 4.91
C THR A 2 9.85 2.07 3.78
N THR A 3 9.18 0.95 3.40
CA THR A 3 9.51 0.07 2.29
C THR A 3 8.15 -0.27 1.69
N SER A 4 8.03 -1.47 1.06
CA SER A 4 6.85 -2.13 0.51
C SER A 4 5.76 -2.48 1.53
N LYS A 5 6.15 -2.68 2.82
CA LYS A 5 5.33 -3.18 3.92
C LYS A 5 4.41 -2.15 4.58
N GLU A 6 4.52 -0.86 4.17
CA GLU A 6 3.74 0.27 4.64
C GLU A 6 2.68 0.64 3.62
N CYS A 7 2.62 -0.14 2.51
CA CYS A 7 1.64 -0.05 1.45
C CYS A 7 0.71 -1.26 1.52
N TRP A 8 0.80 -2.04 2.65
CA TRP A 8 0.01 -3.22 2.97
C TRP A 8 -1.15 -2.83 3.86
N SER A 9 -1.01 -1.67 4.56
CA SER A 9 -1.96 -1.11 5.49
C SER A 9 -2.10 0.34 5.08
N VAL A 10 -2.73 0.61 3.89
CA VAL A 10 -2.83 1.94 3.32
C VAL A 10 -4.18 2.06 2.65
N CYS A 11 -4.50 1.08 1.77
CA CYS A 11 -5.74 0.95 1.00
C CYS A 11 -6.56 -0.19 1.58
N GLN A 12 -6.10 -0.78 2.70
CA GLN A 12 -6.77 -1.80 3.50
C GLN A 12 -7.52 -1.12 4.62
N ARG A 13 -6.98 0.06 5.04
CA ARG A 13 -7.46 0.95 6.09
C ARG A 13 -8.26 2.10 5.51
N LEU A 14 -8.36 2.20 4.15
CA LEU A 14 -9.08 3.24 3.43
C LEU A 14 -10.20 2.56 2.68
N HIS A 15 -9.88 1.54 1.83
CA HIS A 15 -10.81 0.78 1.02
C HIS A 15 -10.94 -0.61 1.63
N ASN A 16 -10.71 -1.71 0.86
CA ASN A 16 -11.03 -3.07 1.27
C ASN A 16 -10.09 -4.00 0.53
N THR A 17 -8.81 -3.61 0.35
CA THR A 17 -7.83 -4.32 -0.45
C THR A 17 -6.78 -4.87 0.50
N SER A 18 -5.62 -5.30 -0.05
CA SER A 18 -4.64 -6.11 0.66
C SER A 18 -3.29 -5.42 0.57
N LYS A 19 -2.40 -5.98 -0.28
CA LYS A 19 -0.96 -5.77 -0.38
C LYS A 19 -0.61 -4.56 -1.24
N GLY A 20 0.70 -4.31 -1.40
CA GLY A 20 1.21 -3.16 -2.11
C GLY A 20 2.70 -3.24 -2.12
N TRP A 21 3.34 -2.24 -2.78
CA TRP A 21 4.75 -2.00 -2.74
C TRP A 21 4.89 -0.52 -2.94
N CYS A 22 6.06 0.05 -2.56
CA CYS A 22 6.30 1.47 -2.58
C CYS A 22 7.23 1.82 -3.72
N ASP A 23 6.75 2.70 -4.63
CA ASP A 23 7.48 3.36 -5.69
C ASP A 23 7.65 4.79 -5.22
N HIS A 24 8.36 5.65 -6.02
CA HIS A 24 8.71 7.04 -5.70
C HIS A 24 7.65 8.04 -6.15
N ARG A 25 6.42 7.54 -6.42
CA ARG A 25 5.22 8.28 -6.76
C ARG A 25 4.19 8.09 -5.68
N GLY A 26 4.35 7.06 -4.79
CA GLY A 26 3.46 6.79 -3.69
C GLY A 26 3.38 5.30 -3.52
N CYS A 27 2.32 4.83 -2.81
CA CYS A 27 2.00 3.43 -2.57
C CYS A 27 1.10 2.90 -3.67
N ILE A 28 1.44 1.68 -4.15
CA ILE A 28 0.69 0.79 -5.02
C ILE A 28 -0.25 -0.01 -4.14
N CYS A 29 -1.52 -0.21 -4.57
CA CYS A 29 -2.56 -0.88 -3.82
C CYS A 29 -3.11 -1.97 -4.71
N GLU A 30 -2.89 -3.26 -4.29
CA GLU A 30 -3.36 -4.46 -4.94
C GLU A 30 -4.38 -5.10 -4.03
N SER A 31 -5.38 -5.79 -4.63
CA SER A 31 -6.48 -6.45 -3.95
C SER A 31 -6.08 -7.86 -3.49
N CYS A 1 7.62 6.97 0.42
CA CYS A 1 8.35 5.78 0.94
C CYS A 1 9.06 5.06 -0.17
N THR A 2 9.93 4.08 0.22
CA THR A 2 10.77 3.33 -0.69
C THR A 2 11.13 2.03 -0.01
N THR A 3 10.21 1.49 0.84
CA THR A 3 10.34 0.25 1.59
C THR A 3 9.35 -0.73 1.01
N SER A 4 8.35 -1.18 1.81
CA SER A 4 7.24 -2.02 1.43
C SER A 4 6.22 -1.82 2.51
N LYS A 5 6.67 -1.92 3.81
CA LYS A 5 5.89 -1.83 5.03
C LYS A 5 5.86 -0.39 5.56
N GLU A 6 5.58 0.59 4.65
CA GLU A 6 5.17 1.94 4.97
C GLU A 6 3.93 2.21 4.14
N CYS A 7 3.28 1.11 3.63
CA CYS A 7 2.09 1.10 2.82
C CYS A 7 1.32 -0.15 3.14
N TRP A 8 1.48 -0.75 4.35
CA TRP A 8 0.70 -1.89 4.81
C TRP A 8 -0.45 -1.39 5.64
N SER A 9 -1.68 -1.88 5.32
CA SER A 9 -2.97 -1.52 5.91
C SER A 9 -3.41 -0.10 5.53
N VAL A 10 -3.39 0.20 4.20
CA VAL A 10 -3.56 1.53 3.61
C VAL A 10 -4.89 1.58 2.90
N CYS A 11 -5.04 0.68 1.91
CA CYS A 11 -6.17 0.52 1.02
C CYS A 11 -6.89 -0.77 1.36
N GLN A 12 -6.37 -1.53 2.36
CA GLN A 12 -6.93 -2.73 2.95
C GLN A 12 -7.82 -2.35 4.12
N ARG A 13 -7.47 -1.20 4.76
CA ARG A 13 -8.12 -0.55 5.88
C ARG A 13 -9.19 0.41 5.43
N LEU A 14 -9.06 0.96 4.18
CA LEU A 14 -9.88 2.03 3.65
C LEU A 14 -10.78 1.53 2.55
N HIS A 15 -10.20 0.98 1.45
CA HIS A 15 -10.89 0.67 0.20
C HIS A 15 -11.26 -0.80 0.05
N ASN A 16 -10.87 -1.67 1.02
CA ASN A 16 -11.29 -3.07 1.19
C ASN A 16 -10.57 -4.06 0.29
N THR A 17 -9.29 -3.78 -0.09
CA THR A 17 -8.51 -4.49 -1.07
C THR A 17 -7.40 -5.22 -0.31
N SER A 18 -6.32 -5.64 -1.00
CA SER A 18 -5.26 -6.49 -0.46
C SER A 18 -4.00 -5.70 -0.26
N LYS A 19 -2.95 -6.04 -1.06
CA LYS A 19 -1.56 -5.66 -0.86
C LYS A 19 -1.21 -4.24 -1.26
N GLY A 20 -0.39 -3.61 -0.39
CA GLY A 20 0.16 -2.28 -0.54
C GLY A 20 1.63 -2.41 -0.39
N TRP A 21 2.42 -1.84 -1.33
CA TRP A 21 3.86 -1.76 -1.26
C TRP A 21 4.20 -0.36 -1.69
N CYS A 22 5.48 0.04 -1.44
CA CYS A 22 6.03 1.34 -1.77
C CYS A 22 6.84 1.19 -3.04
N ASP A 23 6.80 2.23 -3.92
CA ASP A 23 7.66 2.40 -5.07
C ASP A 23 8.61 3.53 -4.74
N HIS A 24 8.17 4.80 -4.93
CA HIS A 24 8.97 5.98 -4.71
C HIS A 24 8.02 7.08 -4.30
N ARG A 25 6.93 7.25 -5.08
CA ARG A 25 5.95 8.32 -5.07
C ARG A 25 4.91 8.18 -3.97
N GLY A 26 4.48 6.93 -3.72
CA GLY A 26 3.44 6.63 -2.77
C GLY A 26 3.29 5.14 -2.71
N CYS A 27 2.04 4.70 -2.39
CA CYS A 27 1.63 3.32 -2.26
C CYS A 27 1.02 2.82 -3.55
N ILE A 28 1.05 1.48 -3.74
CA ILE A 28 0.55 0.74 -4.88
C ILE A 28 -0.54 -0.14 -4.31
N CYS A 29 -1.82 0.22 -4.56
CA CYS A 29 -3.00 -0.36 -3.94
C CYS A 29 -3.68 -1.28 -4.94
N GLU A 30 -3.44 -2.61 -4.79
CA GLU A 30 -4.00 -3.67 -5.63
C GLU A 30 -4.89 -4.54 -4.77
N SER A 31 -5.89 -5.19 -5.42
CA SER A 31 -6.86 -6.09 -4.83
C SER A 31 -6.33 -7.54 -4.84
N CYS A 1 5.85 6.85 1.58
CA CYS A 1 6.14 5.47 2.02
C CYS A 1 7.60 5.28 2.29
N THR A 2 7.91 4.36 3.25
CA THR A 2 9.24 4.00 3.70
C THR A 2 9.62 2.65 3.11
N THR A 3 8.72 1.64 3.29
CA THR A 3 8.92 0.25 2.94
C THR A 3 7.73 -0.18 2.09
N SER A 4 7.76 -1.47 1.62
CA SER A 4 6.75 -2.23 0.92
C SER A 4 5.57 -2.58 1.83
N LYS A 5 5.86 -2.81 3.15
CA LYS A 5 4.95 -3.20 4.21
C LYS A 5 4.36 -2.01 4.95
N GLU A 6 4.44 -0.80 4.33
CA GLU A 6 3.78 0.44 4.69
C GLU A 6 2.54 0.57 3.84
N CYS A 7 2.57 -0.08 2.64
CA CYS A 7 1.56 -0.06 1.60
C CYS A 7 0.69 -1.30 1.63
N TRP A 8 0.81 -2.13 2.70
CA TRP A 8 0.04 -3.36 2.93
C TRP A 8 -1.18 -3.08 3.77
N SER A 9 -1.19 -1.92 4.46
CA SER A 9 -2.27 -1.47 5.32
C SER A 9 -2.49 0.00 5.02
N VAL A 10 -2.86 0.34 3.75
CA VAL A 10 -2.99 1.70 3.27
C VAL A 10 -4.35 1.86 2.62
N CYS A 11 -4.72 0.90 1.73
CA CYS A 11 -5.98 0.83 1.02
C CYS A 11 -6.85 -0.27 1.58
N GLN A 12 -6.42 -0.97 2.65
CA GLN A 12 -7.21 -1.92 3.43
C GLN A 12 -7.41 -1.40 4.82
N ARG A 13 -7.00 -0.12 5.03
CA ARG A 13 -7.26 0.74 6.17
C ARG A 13 -8.37 1.70 5.78
N LEU A 14 -8.45 2.07 4.47
CA LEU A 14 -9.37 3.01 3.87
C LEU A 14 -10.49 2.26 3.17
N HIS A 15 -10.15 1.40 2.17
CA HIS A 15 -11.09 0.77 1.24
C HIS A 15 -11.45 -0.64 1.66
N ASN A 16 -10.71 -1.67 1.17
CA ASN A 16 -11.05 -3.07 1.39
C ASN A 16 -9.83 -3.96 1.43
N THR A 17 -9.00 -4.03 0.34
CA THR A 17 -7.91 -4.97 0.19
C THR A 17 -6.70 -4.20 -0.29
N SER A 18 -5.52 -4.53 0.29
CA SER A 18 -4.23 -3.94 -0.03
C SER A 18 -3.14 -4.96 0.18
N LYS A 19 -2.37 -5.25 -0.91
CA LYS A 19 -1.11 -5.94 -0.91
C LYS A 19 -0.24 -5.13 -1.84
N GLY A 20 0.37 -4.05 -1.29
CA GLY A 20 1.05 -3.00 -2.03
C GLY A 20 2.53 -3.12 -1.99
N TRP A 21 3.20 -2.12 -2.62
CA TRP A 21 4.62 -1.89 -2.55
C TRP A 21 4.80 -0.41 -2.72
N CYS A 22 6.03 0.06 -2.45
CA CYS A 22 6.44 1.45 -2.47
C CYS A 22 7.38 1.60 -3.65
N ASP A 23 7.04 2.51 -4.60
CA ASP A 23 7.81 2.78 -5.81
C ASP A 23 8.62 4.05 -5.62
N HIS A 24 8.05 5.23 -5.98
CA HIS A 24 8.77 6.49 -6.06
C HIS A 24 7.87 7.58 -5.57
N ARG A 25 6.61 7.60 -6.10
CA ARG A 25 5.60 8.63 -5.92
C ARG A 25 4.77 8.40 -4.67
N GLY A 26 4.58 7.11 -4.29
CA GLY A 26 3.77 6.75 -3.15
C GLY A 26 3.59 5.28 -3.18
N CYS A 27 2.48 4.82 -2.56
CA CYS A 27 2.05 3.44 -2.45
C CYS A 27 1.25 3.00 -3.66
N ILE A 28 1.24 1.66 -3.86
CA ILE A 28 0.54 0.90 -4.87
C ILE A 28 -0.46 0.11 -4.06
N CYS A 29 -1.70 -0.08 -4.57
CA CYS A 29 -2.76 -0.80 -3.90
C CYS A 29 -3.27 -1.84 -4.87
N GLU A 30 -3.07 -3.14 -4.52
CA GLU A 30 -3.55 -4.30 -5.26
C GLU A 30 -4.52 -5.03 -4.35
N SER A 31 -4.87 -6.29 -4.70
CA SER A 31 -5.72 -7.17 -3.91
C SER A 31 -4.84 -7.97 -2.95
N CYS A 1 5.51 6.33 2.67
CA CYS A 1 5.85 4.94 3.09
C CYS A 1 7.13 4.91 3.88
N THR A 2 7.54 3.69 4.32
CA THR A 2 8.83 3.34 4.84
C THR A 2 9.43 2.36 3.85
N THR A 3 8.67 1.25 3.55
CA THR A 3 9.05 0.16 2.67
C THR A 3 7.80 -0.19 1.89
N SER A 4 7.83 -1.39 1.24
CA SER A 4 6.77 -2.15 0.57
C SER A 4 5.66 -2.62 1.49
N LYS A 5 6.00 -2.85 2.79
CA LYS A 5 5.18 -3.41 3.86
C LYS A 5 4.35 -2.36 4.59
N GLU A 6 4.43 -1.07 4.14
CA GLU A 6 3.70 0.08 4.63
C GLU A 6 2.62 0.44 3.64
N CYS A 7 2.61 -0.25 2.46
CA CYS A 7 1.62 -0.14 1.40
C CYS A 7 0.68 -1.34 1.45
N TRP A 8 0.74 -2.14 2.56
CA TRP A 8 -0.10 -3.28 2.88
C TRP A 8 -1.21 -2.83 3.81
N SER A 9 -0.98 -1.69 4.50
CA SER A 9 -1.87 -1.06 5.45
C SER A 9 -2.00 0.39 5.03
N VAL A 10 -2.60 0.65 3.83
CA VAL A 10 -2.73 1.97 3.26
C VAL A 10 -4.10 2.07 2.63
N CYS A 11 -4.42 1.08 1.74
CA CYS A 11 -5.67 0.94 1.02
C CYS A 11 -6.48 -0.20 1.62
N GLN A 12 -6.00 -0.78 2.75
CA GLN A 12 -6.66 -1.78 3.57
C GLN A 12 -7.37 -1.07 4.70
N ARG A 13 -6.77 0.05 5.16
CA ARG A 13 -7.19 0.93 6.24
C ARG A 13 -8.10 2.04 5.75
N LEU A 14 -8.20 2.24 4.40
CA LEU A 14 -9.04 3.23 3.74
C LEU A 14 -10.14 2.52 3.00
N HIS A 15 -9.78 1.55 2.10
CA HIS A 15 -10.70 0.86 1.21
C HIS A 15 -10.92 -0.56 1.72
N ASN A 16 -10.56 -1.62 0.94
CA ASN A 16 -10.94 -2.98 1.25
C ASN A 16 -10.07 -3.91 0.44
N THR A 17 -8.74 -3.61 0.33
CA THR A 17 -7.79 -4.32 -0.49
C THR A 17 -6.72 -4.82 0.46
N SER A 18 -5.62 -5.37 -0.10
CA SER A 18 -4.61 -6.12 0.63
C SER A 18 -3.27 -5.42 0.53
N LYS A 19 -2.36 -6.00 -0.31
CA LYS A 19 -0.95 -5.73 -0.42
C LYS A 19 -0.61 -4.54 -1.29
N GLY A 20 0.70 -4.34 -1.50
CA GLY A 20 1.23 -3.19 -2.19
C GLY A 20 2.71 -3.29 -2.17
N TRP A 21 3.38 -2.31 -2.84
CA TRP A 21 4.78 -2.06 -2.78
C TRP A 21 4.91 -0.59 -2.97
N CYS A 22 6.10 -0.02 -2.63
CA CYS A 22 6.32 1.42 -2.68
C CYS A 22 7.28 1.75 -3.80
N ASP A 23 6.81 2.63 -4.72
CA ASP A 23 7.57 3.26 -5.78
C ASP A 23 7.75 4.71 -5.34
N HIS A 24 8.42 5.56 -6.17
CA HIS A 24 8.79 6.94 -5.86
C HIS A 24 7.71 7.96 -6.19
N ARG A 25 6.47 7.46 -6.43
CA ARG A 25 5.24 8.19 -6.67
C ARG A 25 4.44 8.23 -5.39
N GLY A 26 4.33 7.04 -4.75
CA GLY A 26 3.55 6.78 -3.57
C GLY A 26 3.48 5.31 -3.42
N CYS A 27 2.39 4.82 -2.79
CA CYS A 27 2.06 3.41 -2.64
C CYS A 27 1.22 2.92 -3.80
N ILE A 28 1.52 1.65 -4.21
CA ILE A 28 0.75 0.78 -5.08
C ILE A 28 -0.19 0.00 -4.18
N CYS A 29 -1.46 -0.19 -4.62
CA CYS A 29 -2.50 -0.87 -3.87
C CYS A 29 -3.04 -1.96 -4.76
N GLU A 30 -2.85 -3.24 -4.32
CA GLU A 30 -3.31 -4.45 -4.97
C GLU A 30 -4.35 -5.08 -4.06
N SER A 31 -5.34 -5.78 -4.65
CA SER A 31 -6.44 -6.44 -3.98
C SER A 31 -6.03 -7.85 -3.53
N CYS A 1 5.53 6.61 2.16
CA CYS A 1 6.16 5.29 2.42
C CYS A 1 7.66 5.36 2.38
N THR A 2 8.32 4.27 2.83
CA THR A 2 9.76 4.10 2.85
C THR A 2 10.01 2.63 2.57
N THR A 3 9.06 1.74 2.97
CA THR A 3 9.11 0.30 2.82
C THR A 3 7.85 -0.10 2.09
N SER A 4 7.84 -1.37 1.58
CA SER A 4 6.76 -2.07 0.89
C SER A 4 5.63 -2.48 1.83
N LYS A 5 5.98 -2.70 3.14
CA LYS A 5 5.13 -3.16 4.23
C LYS A 5 4.42 -2.04 4.95
N GLU A 6 4.47 -0.80 4.38
CA GLU A 6 3.77 0.41 4.79
C GLU A 6 2.52 0.55 3.93
N CYS A 7 2.56 -0.08 2.73
CA CYS A 7 1.55 -0.05 1.69
C CYS A 7 0.68 -1.29 1.73
N TRP A 8 0.79 -2.12 2.81
CA TRP A 8 0.04 -3.35 3.05
C TRP A 8 -1.18 -3.05 3.90
N SER A 9 -1.19 -1.89 4.58
CA SER A 9 -2.29 -1.36 5.37
C SER A 9 -2.43 0.09 4.96
N VAL A 10 -2.98 0.37 3.74
CA VAL A 10 -3.11 1.72 3.21
C VAL A 10 -4.45 1.86 2.54
N CYS A 11 -4.78 0.90 1.64
CA CYS A 11 -6.04 0.78 0.92
C CYS A 11 -6.90 -0.32 1.50
N GLN A 12 -6.47 -0.95 2.62
CA GLN A 12 -7.27 -1.89 3.42
C GLN A 12 -7.50 -1.30 4.79
N ARG A 13 -7.06 -0.02 4.97
CA ARG A 13 -7.34 0.88 6.07
C ARG A 13 -8.43 1.83 5.63
N LEU A 14 -8.50 2.12 4.29
CA LEU A 14 -9.45 3.01 3.63
C LEU A 14 -10.55 2.19 3.00
N HIS A 15 -10.21 1.29 2.01
CA HIS A 15 -11.16 0.61 1.14
C HIS A 15 -11.48 -0.79 1.63
N ASN A 16 -10.74 -1.84 1.17
CA ASN A 16 -11.07 -3.23 1.46
C ASN A 16 -9.83 -4.10 1.56
N THR A 17 -9.01 -4.22 0.48
CA THR A 17 -7.89 -5.14 0.40
C THR A 17 -6.72 -4.39 -0.18
N SER A 18 -5.52 -4.60 0.44
CA SER A 18 -4.26 -4.00 0.05
C SER A 18 -3.14 -4.98 0.31
N LYS A 19 -2.33 -5.23 -0.75
CA LYS A 19 -1.03 -5.87 -0.69
C LYS A 19 -0.21 -5.06 -1.66
N GLY A 20 0.47 -4.00 -1.15
CA GLY A 20 1.13 -2.98 -1.94
C GLY A 20 2.62 -3.09 -1.89
N TRP A 21 3.28 -2.10 -2.52
CA TRP A 21 4.69 -1.86 -2.45
C TRP A 21 4.86 -0.37 -2.64
N CYS A 22 6.08 0.14 -2.34
CA CYS A 22 6.45 1.53 -2.40
C CYS A 22 7.40 1.67 -3.58
N ASP A 23 7.04 2.55 -4.57
CA ASP A 23 7.81 2.79 -5.77
C ASP A 23 8.62 4.06 -5.61
N HIS A 24 8.03 5.25 -5.95
CA HIS A 24 8.75 6.50 -6.05
C HIS A 24 7.88 7.59 -5.51
N ARG A 25 6.60 7.62 -5.98
CA ARG A 25 5.62 8.68 -5.78
C ARG A 25 4.75 8.42 -4.57
N GLY A 26 4.58 7.13 -4.20
CA GLY A 26 3.74 6.76 -3.08
C GLY A 26 3.58 5.28 -3.11
N CYS A 27 2.46 4.80 -2.51
CA CYS A 27 2.05 3.41 -2.39
C CYS A 27 1.26 2.96 -3.61
N ILE A 28 1.25 1.62 -3.78
CA ILE A 28 0.57 0.84 -4.79
C ILE A 28 -0.43 0.05 -3.98
N CYS A 29 -1.65 -0.19 -4.54
CA CYS A 29 -2.72 -0.92 -3.88
C CYS A 29 -3.18 -1.97 -4.85
N GLU A 30 -3.02 -3.27 -4.47
CA GLU A 30 -3.48 -4.43 -5.23
C GLU A 30 -4.56 -5.11 -4.42
N SER A 31 -5.50 -5.78 -5.12
CA SER A 31 -6.61 -6.49 -4.52
C SER A 31 -6.13 -7.90 -4.09
N CYS A 1 6.73 6.18 2.29
CA CYS A 1 7.12 4.75 2.35
C CYS A 1 8.59 4.59 2.10
N THR A 2 9.21 3.55 2.73
CA THR A 2 10.61 3.23 2.67
C THR A 2 10.81 1.89 1.98
N THR A 3 9.92 0.89 2.24
CA THR A 3 10.11 -0.50 1.86
C THR A 3 8.95 -0.98 1.00
N SER A 4 7.79 -1.30 1.63
CA SER A 4 6.72 -2.10 1.07
C SER A 4 5.62 -2.14 2.10
N LYS A 5 5.99 -2.28 3.41
CA LYS A 5 5.15 -2.51 4.58
C LYS A 5 4.37 -1.29 5.06
N GLU A 6 4.71 -0.07 4.52
CA GLU A 6 4.06 1.21 4.76
C GLU A 6 3.01 1.49 3.71
N CYS A 7 2.84 0.54 2.74
CA CYS A 7 1.84 0.52 1.70
C CYS A 7 0.93 -0.66 1.93
N TRP A 8 0.97 -1.23 3.17
CA TRP A 8 0.05 -2.21 3.69
C TRP A 8 -0.78 -1.46 4.70
N SER A 9 -2.13 -1.65 4.67
CA SER A 9 -3.12 -0.98 5.50
C SER A 9 -3.33 0.47 5.09
N VAL A 10 -3.48 0.70 3.75
CA VAL A 10 -3.52 1.99 3.09
C VAL A 10 -4.79 2.07 2.29
N CYS A 11 -5.05 1.01 1.49
CA CYS A 11 -6.20 0.79 0.63
C CYS A 11 -6.95 -0.43 1.13
N GLN A 12 -6.48 -1.02 2.26
CA GLN A 12 -7.00 -2.21 2.92
C GLN A 12 -7.77 -1.76 4.14
N ARG A 13 -7.26 -0.69 4.78
CA ARG A 13 -7.84 0.10 5.85
C ARG A 13 -8.84 1.13 5.35
N LEU A 14 -8.77 1.49 4.03
CA LEU A 14 -9.63 2.45 3.35
C LEU A 14 -10.78 1.74 2.66
N HIS A 15 -10.47 0.68 1.85
CA HIS A 15 -11.43 -0.09 1.08
C HIS A 15 -11.71 -1.39 1.83
N ASN A 16 -10.94 -2.49 1.57
CA ASN A 16 -11.14 -3.73 2.29
C ASN A 16 -9.95 -4.65 2.15
N THR A 17 -9.50 -4.96 0.90
CA THR A 17 -8.39 -5.86 0.64
C THR A 17 -7.36 -5.08 -0.13
N SER A 18 -6.11 -5.11 0.39
CA SER A 18 -4.95 -4.54 -0.23
C SER A 18 -3.66 -5.05 0.36
N LYS A 19 -2.72 -5.36 -0.56
CA LYS A 19 -1.29 -5.49 -0.36
C LYS A 19 -0.70 -4.41 -1.24
N GLY A 20 0.55 -4.00 -0.96
CA GLY A 20 1.15 -2.88 -1.65
C GLY A 20 2.63 -2.99 -1.60
N TRP A 21 3.30 -2.16 -2.44
CA TRP A 21 4.72 -1.93 -2.40
C TRP A 21 4.89 -0.46 -2.66
N CYS A 22 6.15 0.02 -2.53
CA CYS A 22 6.53 1.41 -2.59
C CYS A 22 7.32 1.61 -3.87
N ASP A 23 6.91 2.63 -4.69
CA ASP A 23 7.58 3.09 -5.90
C ASP A 23 8.34 4.37 -5.60
N HIS A 24 8.11 4.97 -4.39
CA HIS A 24 8.75 6.14 -3.80
C HIS A 24 8.24 7.47 -4.32
N ARG A 25 7.14 7.40 -5.12
CA ARG A 25 6.32 8.47 -5.62
C ARG A 25 5.03 8.48 -4.82
N GLY A 26 4.70 7.29 -4.24
CA GLY A 26 3.53 7.05 -3.45
C GLY A 26 3.55 5.57 -3.19
N CYS A 27 2.37 5.01 -2.81
CA CYS A 27 2.13 3.61 -2.60
C CYS A 27 1.33 3.07 -3.78
N ILE A 28 1.34 1.72 -3.89
CA ILE A 28 0.70 0.91 -4.90
C ILE A 28 -0.34 0.12 -4.11
N CYS A 29 -1.57 -0.04 -4.66
CA CYS A 29 -2.66 -0.77 -4.04
C CYS A 29 -3.13 -1.84 -5.00
N GLU A 30 -3.07 -3.13 -4.55
CA GLU A 30 -3.60 -4.33 -5.19
C GLU A 30 -4.89 -4.70 -4.47
N SER A 31 -5.51 -5.84 -4.87
CA SER A 31 -6.66 -6.43 -4.21
C SER A 31 -6.12 -7.64 -3.42
N CYS A 1 6.05 6.72 1.78
CA CYS A 1 6.61 5.39 2.14
C CYS A 1 8.11 5.37 2.04
N THR A 2 8.72 4.25 2.51
CA THR A 2 10.14 4.01 2.45
C THR A 2 10.31 2.51 2.24
N THR A 3 9.35 1.69 2.74
CA THR A 3 9.35 0.24 2.68
C THR A 3 8.02 -0.19 2.09
N SER A 4 7.94 -1.49 1.70
CA SER A 4 6.81 -2.23 1.14
C SER A 4 5.72 -2.49 2.16
N LYS A 5 6.13 -2.65 3.46
CA LYS A 5 5.29 -2.90 4.63
C LYS A 5 4.83 -1.62 5.32
N GLU A 6 5.04 -0.46 4.64
CA GLU A 6 4.53 0.86 4.99
C GLU A 6 3.51 1.25 3.92
N CYS A 7 3.17 0.27 3.04
CA CYS A 7 2.11 0.32 2.05
C CYS A 7 1.20 -0.87 2.30
N TRP A 8 1.28 -1.49 3.50
CA TRP A 8 0.35 -2.49 4.00
C TRP A 8 -0.48 -1.78 5.04
N SER A 9 -1.82 -1.94 4.95
CA SER A 9 -2.88 -1.30 5.73
C SER A 9 -3.07 0.17 5.34
N VAL A 10 -3.11 0.45 4.01
CA VAL A 10 -3.10 1.76 3.39
C VAL A 10 -4.42 1.97 2.69
N CYS A 11 -4.80 0.95 1.89
CA CYS A 11 -6.03 0.84 1.13
C CYS A 11 -6.84 -0.33 1.65
N GLN A 12 -6.32 -1.06 2.68
CA GLN A 12 -6.97 -2.18 3.36
C GLN A 12 -7.62 -1.65 4.63
N ARG A 13 -7.13 -0.48 5.11
CA ARG A 13 -7.63 0.35 6.19
C ARG A 13 -8.78 1.22 5.74
N LEU A 14 -8.68 1.76 4.49
CA LEU A 14 -9.60 2.75 3.92
C LEU A 14 -10.64 2.09 3.04
N HIS A 15 -10.20 1.19 2.11
CA HIS A 15 -11.04 0.55 1.12
C HIS A 15 -11.23 -0.91 1.47
N ASN A 16 -10.68 -1.87 0.68
CA ASN A 16 -11.03 -3.27 0.76
C ASN A 16 -10.01 -4.08 -0.02
N THR A 17 -8.69 -3.83 0.20
CA THR A 17 -7.63 -4.38 -0.65
C THR A 17 -6.84 -5.43 0.11
N SER A 18 -5.55 -5.61 -0.25
CA SER A 18 -4.69 -6.61 0.32
C SER A 18 -3.28 -6.04 0.32
N LYS A 19 -2.54 -6.31 -0.78
CA LYS A 19 -1.12 -6.12 -0.97
C LYS A 19 -0.78 -4.73 -1.49
N GLY A 20 0.40 -4.22 -1.09
CA GLY A 20 0.92 -2.95 -1.50
C GLY A 20 2.41 -3.02 -1.43
N TRP A 21 3.09 -2.17 -2.22
CA TRP A 21 4.52 -1.96 -2.18
C TRP A 21 4.75 -0.51 -2.46
N CYS A 22 6.01 -0.06 -2.31
CA CYS A 22 6.45 1.32 -2.42
C CYS A 22 7.29 1.41 -3.67
N ASP A 23 6.93 2.38 -4.58
CA ASP A 23 7.62 2.65 -5.83
C ASP A 23 8.50 3.87 -5.64
N HIS A 24 7.95 5.09 -5.88
CA HIS A 24 8.69 6.34 -5.91
C HIS A 24 7.72 7.43 -5.58
N ARG A 25 6.53 7.41 -6.25
CA ARG A 25 5.44 8.37 -6.20
C ARG A 25 4.55 8.24 -4.97
N GLY A 26 4.53 7.04 -4.34
CA GLY A 26 3.71 6.75 -3.20
C GLY A 26 3.59 5.27 -3.13
N CYS A 27 2.47 4.80 -2.52
CA CYS A 27 2.09 3.42 -2.34
C CYS A 27 1.24 2.93 -3.50
N ILE A 28 1.20 1.59 -3.63
CA ILE A 28 0.53 0.79 -4.65
C ILE A 28 -0.52 0.04 -3.88
N CYS A 29 -1.75 -0.11 -4.44
CA CYS A 29 -2.87 -0.80 -3.86
C CYS A 29 -3.37 -1.74 -4.95
N GLU A 30 -3.32 -3.08 -4.70
CA GLU A 30 -3.50 -4.15 -5.68
C GLU A 30 -4.82 -4.88 -5.57
N SER A 31 -5.80 -4.22 -4.93
CA SER A 31 -7.19 -4.63 -4.80
C SER A 31 -7.41 -6.06 -4.28
N CYS A 1 5.89 6.50 2.77
CA CYS A 1 6.36 5.13 3.13
C CYS A 1 7.75 5.19 3.71
N THR A 2 8.42 4.00 3.78
CA THR A 2 9.85 3.87 3.95
C THR A 2 10.24 2.68 3.08
N THR A 3 9.39 1.61 3.08
CA THR A 3 9.55 0.39 2.32
C THR A 3 8.17 0.00 1.83
N SER A 4 8.05 -1.25 1.29
CA SER A 4 6.90 -1.98 0.76
C SER A 4 5.74 -2.19 1.73
N LYS A 5 6.05 -2.38 3.04
CA LYS A 5 5.12 -2.82 4.09
C LYS A 5 4.41 -1.71 4.82
N GLU A 6 4.45 -0.48 4.25
CA GLU A 6 3.73 0.72 4.68
C GLU A 6 2.66 1.01 3.65
N CYS A 7 2.50 0.09 2.66
CA CYS A 7 1.52 0.16 1.58
C CYS A 7 0.62 -1.05 1.65
N TRP A 8 0.71 -1.84 2.75
CA TRP A 8 -0.03 -3.07 3.01
C TRP A 8 -1.32 -2.78 3.76
N SER A 9 -1.34 -1.66 4.53
CA SER A 9 -2.47 -1.21 5.33
C SER A 9 -2.64 0.26 5.00
N VAL A 10 -2.90 0.58 3.70
CA VAL A 10 -2.98 1.94 3.17
C VAL A 10 -4.32 2.11 2.48
N CYS A 11 -4.68 1.12 1.65
CA CYS A 11 -5.89 1.04 0.85
C CYS A 11 -6.72 -0.15 1.34
N GLN A 12 -6.21 -0.88 2.35
CA GLN A 12 -6.78 -2.07 2.98
C GLN A 12 -7.48 -1.64 4.25
N ARG A 13 -6.93 -0.56 4.86
CA ARG A 13 -7.43 0.22 5.98
C ARG A 13 -8.51 1.21 5.55
N LEU A 14 -8.45 1.69 4.27
CA LEU A 14 -9.35 2.66 3.65
C LEU A 14 -10.51 1.96 2.97
N HIS A 15 -10.23 0.94 2.12
CA HIS A 15 -11.21 0.18 1.36
C HIS A 15 -11.50 -1.12 2.08
N ASN A 16 -10.80 -2.26 1.76
CA ASN A 16 -11.01 -3.49 2.48
C ASN A 16 -9.85 -4.43 2.31
N THR A 17 -9.49 -4.80 1.06
CA THR A 17 -8.41 -5.73 0.79
C THR A 17 -7.45 -5.02 -0.13
N SER A 18 -6.18 -4.91 0.35
CA SER A 18 -5.05 -4.39 -0.37
C SER A 18 -3.75 -4.95 0.13
N LYS A 19 -2.83 -5.16 -0.85
CA LYS A 19 -1.47 -5.56 -0.70
C LYS A 19 -0.73 -4.62 -1.63
N GLY A 20 0.39 -4.01 -1.19
CA GLY A 20 1.04 -2.95 -1.92
C GLY A 20 2.52 -3.13 -1.91
N TRP A 21 3.21 -2.16 -2.57
CA TRP A 21 4.62 -1.95 -2.51
C TRP A 21 4.79 -0.47 -2.72
N CYS A 22 6.02 0.05 -2.46
CA CYS A 22 6.35 1.45 -2.58
C CYS A 22 7.40 1.56 -3.65
N ASP A 23 7.13 2.39 -4.71
CA ASP A 23 7.96 2.58 -5.87
C ASP A 23 8.80 3.83 -5.71
N HIS A 24 8.27 5.01 -6.12
CA HIS A 24 9.02 6.25 -6.22
C HIS A 24 8.13 7.38 -5.74
N ARG A 25 6.87 7.41 -6.26
CA ARG A 25 5.89 8.47 -6.11
C ARG A 25 5.05 8.30 -4.86
N GLY A 26 4.83 7.03 -4.43
CA GLY A 26 4.01 6.73 -3.29
C GLY A 26 3.75 5.27 -3.30
N CYS A 27 2.61 4.87 -2.67
CA CYS A 27 2.12 3.51 -2.54
C CYS A 27 1.31 3.08 -3.74
N ILE A 28 1.31 1.73 -3.96
CA ILE A 28 0.63 0.97 -4.97
C ILE A 28 -0.38 0.18 -4.19
N CYS A 29 -1.65 0.10 -4.67
CA CYS A 29 -2.74 -0.59 -4.01
C CYS A 29 -3.29 -1.61 -4.98
N GLU A 30 -3.17 -2.92 -4.63
CA GLU A 30 -3.72 -4.05 -5.37
C GLU A 30 -4.83 -4.64 -4.51
N SER A 31 -5.11 -5.94 -4.70
CA SER A 31 -6.02 -6.73 -3.89
C SER A 31 -5.19 -7.53 -2.87
N CYS A 1 6.41 6.67 1.78
CA CYS A 1 6.85 5.29 2.10
C CYS A 1 8.35 5.15 2.03
N THR A 2 8.88 3.98 2.50
CA THR A 2 10.29 3.68 2.54
C THR A 2 10.45 2.21 2.18
N THR A 3 9.45 1.36 2.57
CA THR A 3 9.44 -0.08 2.35
C THR A 3 8.07 -0.41 1.82
N SER A 4 7.87 -1.71 1.42
CA SER A 4 6.64 -2.33 0.96
C SER A 4 5.67 -2.60 2.10
N LYS A 5 6.21 -2.73 3.35
CA LYS A 5 5.54 -2.97 4.62
C LYS A 5 5.04 -1.68 5.26
N GLU A 6 5.46 -0.51 4.68
CA GLU A 6 5.02 0.84 4.99
C GLU A 6 3.84 1.23 4.10
N CYS A 7 3.52 0.36 3.11
CA CYS A 7 2.38 0.45 2.21
C CYS A 7 1.43 -0.70 2.50
N TRP A 8 1.42 -1.24 3.74
CA TRP A 8 0.43 -2.21 4.20
C TRP A 8 -0.43 -1.48 5.21
N SER A 9 -1.78 -1.61 5.03
CA SER A 9 -2.86 -0.91 5.73
C SER A 9 -3.04 0.48 5.12
N VAL A 10 -3.15 0.54 3.77
CA VAL A 10 -3.15 1.76 2.96
C VAL A 10 -4.49 1.90 2.31
N CYS A 11 -4.85 0.89 1.50
CA CYS A 11 -6.07 0.78 0.72
C CYS A 11 -6.85 -0.43 1.19
N GLN A 12 -6.39 -1.05 2.30
CA GLN A 12 -7.12 -2.03 3.11
C GLN A 12 -7.45 -1.37 4.43
N ARG A 13 -7.23 -0.03 4.51
CA ARG A 13 -7.73 0.89 5.51
C ARG A 13 -8.84 1.74 4.88
N LEU A 14 -9.00 1.67 3.53
CA LEU A 14 -9.98 2.39 2.74
C LEU A 14 -11.04 1.42 2.26
N HIS A 15 -10.61 0.26 1.69
CA HIS A 15 -11.46 -0.74 1.06
C HIS A 15 -11.66 -1.90 2.03
N ASN A 16 -10.86 -2.98 1.92
CA ASN A 16 -10.99 -4.14 2.78
C ASN A 16 -9.71 -4.93 2.74
N THR A 17 -9.30 -5.43 1.54
CA THR A 17 -8.12 -6.25 1.33
C THR A 17 -7.33 -5.56 0.24
N SER A 18 -6.02 -5.36 0.50
CA SER A 18 -5.10 -4.72 -0.40
C SER A 18 -3.71 -5.23 -0.12
N LYS A 19 -2.88 -5.31 -1.20
CA LYS A 19 -1.47 -5.58 -1.16
C LYS A 19 -0.84 -4.35 -1.77
N GLY A 20 0.12 -3.74 -1.02
CA GLY A 20 0.77 -2.51 -1.41
C GLY A 20 2.25 -2.69 -1.34
N TRP A 21 2.96 -1.99 -2.25
CA TRP A 21 4.40 -1.89 -2.29
C TRP A 21 4.69 -0.45 -2.62
N CYS A 22 5.97 -0.05 -2.42
CA CYS A 22 6.46 1.31 -2.51
C CYS A 22 7.32 1.42 -3.75
N ASP A 23 6.99 2.39 -4.63
CA ASP A 23 7.74 2.79 -5.81
C ASP A 23 8.48 4.09 -5.53
N HIS A 24 8.20 4.72 -4.35
CA HIS A 24 8.80 5.92 -3.77
C HIS A 24 8.24 7.21 -4.34
N ARG A 25 7.08 7.09 -5.03
CA ARG A 25 6.21 8.14 -5.52
C ARG A 25 4.90 8.06 -4.76
N GLY A 26 4.71 6.96 -4.00
CA GLY A 26 3.52 6.65 -3.25
C GLY A 26 3.48 5.16 -3.14
N CYS A 27 2.29 4.62 -2.74
CA CYS A 27 2.00 3.21 -2.61
C CYS A 27 1.14 2.80 -3.79
N ILE A 28 1.20 1.49 -4.15
CA ILE A 28 0.55 0.88 -5.31
C ILE A 28 -0.49 -0.06 -4.78
N CYS A 29 -1.81 0.28 -4.95
CA CYS A 29 -2.93 -0.47 -4.42
C CYS A 29 -3.58 -1.23 -5.56
N GLU A 30 -3.44 -2.60 -5.58
CA GLU A 30 -3.98 -3.48 -6.60
C GLU A 30 -5.00 -4.43 -6.02
N SER A 31 -5.51 -4.09 -4.81
CA SER A 31 -6.56 -4.75 -4.07
C SER A 31 -6.26 -6.27 -3.82
N CYS A 1 5.83 6.24 2.65
CA CYS A 1 6.58 4.95 2.61
C CYS A 1 8.00 5.14 2.16
N THR A 2 8.83 4.08 2.35
CA THR A 2 10.19 4.02 1.90
C THR A 2 10.55 2.56 1.64
N THR A 3 9.68 1.61 2.07
CA THR A 3 9.93 0.16 2.04
C THR A 3 8.99 -0.49 1.03
N SER A 4 7.87 -1.07 1.53
CA SER A 4 6.98 -1.96 0.82
C SER A 4 5.90 -2.29 1.83
N LYS A 5 6.33 -2.58 3.10
CA LYS A 5 5.56 -3.05 4.26
C LYS A 5 4.70 -1.98 4.91
N GLU A 6 4.91 -0.69 4.52
CA GLU A 6 4.17 0.50 4.95
C GLU A 6 3.06 0.83 3.95
N CYS A 7 2.73 -0.13 3.04
CA CYS A 7 1.69 -0.03 2.05
C CYS A 7 0.81 -1.26 2.14
N TRP A 8 0.98 -2.10 3.20
CA TRP A 8 0.29 -3.37 3.40
C TRP A 8 -0.99 -3.21 4.19
N SER A 9 -1.06 -2.15 5.04
CA SER A 9 -2.19 -1.81 5.88
C SER A 9 -2.56 -0.37 5.60
N VAL A 10 -2.60 -0.01 4.30
CA VAL A 10 -2.86 1.32 3.76
C VAL A 10 -4.13 1.27 2.95
N CYS A 11 -4.30 0.16 2.17
CA CYS A 11 -5.39 -0.09 1.25
C CYS A 11 -6.40 -1.04 1.84
N GLN A 12 -6.20 -1.51 3.10
CA GLN A 12 -7.14 -2.29 3.90
C GLN A 12 -7.91 -1.35 4.82
N ARG A 13 -7.38 -0.12 4.94
CA ARG A 13 -7.79 0.97 5.79
C ARG A 13 -8.67 1.94 5.02
N LEU A 14 -8.41 2.08 3.69
CA LEU A 14 -9.00 3.07 2.82
C LEU A 14 -9.82 2.42 1.73
N HIS A 15 -9.19 1.54 0.91
CA HIS A 15 -9.66 1.15 -0.41
C HIS A 15 -10.34 -0.20 -0.47
N ASN A 16 -10.36 -0.98 0.66
CA ASN A 16 -11.12 -2.22 0.88
C ASN A 16 -10.48 -3.46 0.26
N THR A 17 -9.15 -3.39 -0.02
CA THR A 17 -8.34 -4.36 -0.71
C THR A 17 -7.32 -4.83 0.33
N SER A 18 -6.16 -5.36 -0.13
CA SER A 18 -5.14 -5.98 0.73
C SER A 18 -3.85 -5.18 0.69
N LYS A 19 -2.81 -5.77 0.05
CA LYS A 19 -1.39 -5.41 0.09
C LYS A 19 -1.01 -4.21 -0.77
N GLY A 20 0.31 -3.99 -0.92
CA GLY A 20 0.87 -2.89 -1.66
C GLY A 20 2.35 -3.05 -1.71
N TRP A 21 3.02 -2.06 -2.35
CA TRP A 21 4.44 -1.84 -2.29
C TRP A 21 4.60 -0.34 -2.48
N CYS A 22 5.84 0.16 -2.34
CA CYS A 22 6.20 1.57 -2.44
C CYS A 22 6.99 1.74 -3.73
N ASP A 23 6.58 2.73 -4.57
CA ASP A 23 7.24 3.09 -5.82
C ASP A 23 8.11 4.31 -5.57
N HIS A 24 7.55 5.54 -5.74
CA HIS A 24 8.30 6.78 -5.67
C HIS A 24 7.33 7.85 -5.21
N ARG A 25 6.11 7.87 -5.83
CA ARG A 25 5.02 8.80 -5.64
C ARG A 25 4.27 8.60 -4.33
N GLY A 26 4.14 7.32 -3.91
CA GLY A 26 3.41 6.94 -2.73
C GLY A 26 3.32 5.46 -2.75
N CYS A 27 2.21 4.94 -2.16
CA CYS A 27 1.85 3.54 -2.07
C CYS A 27 1.01 3.11 -3.26
N ILE A 28 1.01 1.77 -3.47
CA ILE A 28 0.32 1.02 -4.49
C ILE A 28 -0.69 0.21 -3.70
N CYS A 29 -1.90 -0.04 -4.28
CA CYS A 29 -2.94 -0.86 -3.72
C CYS A 29 -3.09 -2.07 -4.63
N GLU A 30 -2.96 -3.29 -4.04
CA GLU A 30 -3.27 -4.57 -4.66
C GLU A 30 -4.35 -5.19 -3.81
N SER A 31 -5.20 -6.05 -4.44
CA SER A 31 -6.28 -6.77 -3.80
C SER A 31 -5.82 -8.21 -3.53
N CYS A 1 6.33 6.51 2.03
CA CYS A 1 6.86 5.14 2.28
C CYS A 1 8.36 5.11 2.13
N THR A 2 8.96 3.93 2.49
CA THR A 2 10.38 3.65 2.33
C THR A 2 10.48 2.19 1.96
N THR A 3 9.56 1.34 2.50
CA THR A 3 9.49 -0.10 2.29
C THR A 3 8.06 -0.41 1.94
N SER A 4 7.79 -1.71 1.59
CA SER A 4 6.55 -2.33 1.15
C SER A 4 5.52 -2.46 2.27
N LYS A 5 6.00 -2.53 3.54
CA LYS A 5 5.24 -2.69 4.77
C LYS A 5 4.74 -1.36 5.35
N GLU A 6 5.01 -0.24 4.62
CA GLU A 6 4.52 1.10 4.87
C GLU A 6 3.43 1.42 3.87
N CYS A 7 3.07 0.43 3.02
CA CYS A 7 2.02 0.47 2.02
C CYS A 7 1.09 -0.70 2.28
N TRP A 8 1.11 -1.27 3.51
CA TRP A 8 0.15 -2.25 4.00
C TRP A 8 -0.67 -1.53 5.04
N SER A 9 -2.02 -1.61 4.92
CA SER A 9 -3.04 -0.91 5.70
C SER A 9 -3.20 0.54 5.23
N VAL A 10 -3.36 0.73 3.90
CA VAL A 10 -3.39 2.02 3.22
C VAL A 10 -4.70 2.12 2.48
N CYS A 11 -4.94 1.12 1.62
CA CYS A 11 -6.15 0.89 0.83
C CYS A 11 -6.79 -0.40 1.30
N GLN A 12 -6.15 -1.07 2.29
CA GLN A 12 -6.53 -2.32 2.92
C GLN A 12 -7.26 -2.02 4.22
N ARG A 13 -7.04 -0.78 4.72
CA ARG A 13 -7.73 -0.07 5.77
C ARG A 13 -9.03 0.56 5.28
N LEU A 14 -9.03 1.11 4.04
CA LEU A 14 -10.10 1.92 3.47
C LEU A 14 -11.05 1.10 2.62
N HIS A 15 -10.51 0.35 1.63
CA HIS A 15 -11.26 -0.42 0.65
C HIS A 15 -11.32 -1.89 1.02
N ASN A 16 -10.63 -2.26 2.14
CA ASN A 16 -10.74 -3.48 2.94
C ASN A 16 -9.82 -4.60 2.51
N THR A 17 -9.43 -4.67 1.22
CA THR A 17 -8.45 -5.61 0.70
C THR A 17 -7.49 -4.81 -0.11
N SER A 18 -6.18 -4.98 0.19
CA SER A 18 -5.07 -4.42 -0.56
C SER A 18 -3.77 -5.11 -0.21
N LYS A 19 -2.96 -5.30 -1.28
CA LYS A 19 -1.54 -5.61 -1.24
C LYS A 19 -0.89 -4.42 -1.91
N GLY A 20 0.05 -3.76 -1.18
CA GLY A 20 0.71 -2.56 -1.63
C GLY A 20 2.18 -2.73 -1.49
N TRP A 21 2.93 -1.97 -2.32
CA TRP A 21 4.37 -1.88 -2.27
C TRP A 21 4.69 -0.44 -2.57
N CYS A 22 5.98 -0.07 -2.37
CA CYS A 22 6.50 1.27 -2.46
C CYS A 22 7.34 1.35 -3.71
N ASP A 23 7.04 2.31 -4.62
CA ASP A 23 7.74 2.55 -5.87
C ASP A 23 8.72 3.70 -5.68
N HIS A 24 8.27 4.96 -5.90
CA HIS A 24 9.14 6.13 -5.92
C HIS A 24 8.36 7.28 -5.38
N ARG A 25 7.12 7.48 -5.93
CA ARG A 25 6.23 8.60 -5.70
C ARG A 25 5.33 8.39 -4.50
N GLY A 26 5.04 7.11 -4.15
CA GLY A 26 4.15 6.78 -3.07
C GLY A 26 3.92 5.31 -3.11
N CYS A 27 2.74 4.90 -2.55
CA CYS A 27 2.27 3.54 -2.45
C CYS A 27 1.43 3.15 -3.65
N ILE A 28 1.30 1.82 -3.83
CA ILE A 28 0.58 1.11 -4.86
C ILE A 28 -0.55 0.43 -4.11
N CYS A 29 -1.77 0.37 -4.70
CA CYS A 29 -2.93 -0.26 -4.11
C CYS A 29 -3.48 -1.22 -5.13
N GLU A 30 -3.53 -2.53 -4.76
CA GLU A 30 -4.12 -3.62 -5.51
C GLU A 30 -5.24 -4.18 -4.67
N SER A 31 -5.57 -5.48 -4.90
CA SER A 31 -6.48 -6.27 -4.10
C SER A 31 -5.63 -7.23 -3.24
N CYS A 1 5.47 6.41 2.24
CA CYS A 1 6.06 5.08 2.54
C CYS A 1 7.56 5.13 2.57
N THR A 2 8.18 4.01 3.03
CA THR A 2 9.61 3.83 3.14
C THR A 2 9.89 2.37 2.79
N THR A 3 8.92 1.47 3.12
CA THR A 3 9.00 0.03 2.93
C THR A 3 7.75 -0.36 2.16
N SER A 4 7.75 -1.63 1.63
CA SER A 4 6.69 -2.32 0.91
C SER A 4 5.54 -2.74 1.82
N LYS A 5 5.85 -2.96 3.13
CA LYS A 5 4.98 -3.42 4.21
C LYS A 5 4.24 -2.28 4.90
N GLU A 6 4.40 -1.03 4.37
CA GLU A 6 3.75 0.20 4.79
C GLU A 6 2.60 0.49 3.83
N CYS A 7 2.57 -0.23 2.67
CA CYS A 7 1.57 -0.14 1.62
C CYS A 7 0.64 -1.34 1.67
N TRP A 8 0.67 -2.12 2.77
CA TRP A 8 -0.16 -3.28 3.05
C TRP A 8 -1.36 -2.87 3.90
N SER A 9 -1.20 -1.74 4.64
CA SER A 9 -2.19 -1.17 5.52
C SER A 9 -2.31 0.29 5.15
N VAL A 10 -2.73 0.57 3.87
CA VAL A 10 -2.84 1.91 3.32
C VAL A 10 -4.17 2.02 2.63
N CYS A 11 -4.48 1.03 1.75
CA CYS A 11 -5.70 0.88 0.99
C CYS A 11 -6.52 -0.29 1.52
N GLN A 12 -6.02 -0.95 2.60
CA GLN A 12 -6.71 -1.96 3.39
C GLN A 12 -7.36 -1.29 4.59
N ARG A 13 -6.71 -0.16 5.03
CA ARG A 13 -7.08 0.76 6.09
C ARG A 13 -8.09 1.79 5.60
N LEU A 14 -8.04 2.14 4.28
CA LEU A 14 -8.85 3.16 3.64
C LEU A 14 -10.00 2.53 2.88
N HIS A 15 -9.70 1.56 1.97
CA HIS A 15 -10.68 0.91 1.09
C HIS A 15 -10.96 -0.50 1.59
N ASN A 16 -10.59 -1.56 0.82
CA ASN A 16 -11.02 -2.92 1.09
C ASN A 16 -10.15 -3.85 0.26
N THR A 17 -8.82 -3.60 0.22
CA THR A 17 -7.87 -4.33 -0.63
C THR A 17 -6.86 -4.95 0.32
N SER A 18 -5.70 -5.39 -0.22
CA SER A 18 -4.71 -6.18 0.49
C SER A 18 -3.39 -5.46 0.48
N LYS A 19 -2.43 -5.99 -0.33
CA LYS A 19 -1.01 -5.70 -0.35
C LYS A 19 -0.65 -4.50 -1.20
N GLY A 20 0.67 -4.27 -1.35
CA GLY A 20 1.21 -3.12 -2.03
C GLY A 20 2.70 -3.20 -1.96
N TRP A 21 3.37 -2.24 -2.62
CA TRP A 21 4.78 -2.00 -2.53
C TRP A 21 4.94 -0.51 -2.70
N CYS A 22 6.15 0.01 -2.35
CA CYS A 22 6.48 1.42 -2.31
C CYS A 22 7.31 1.77 -3.51
N ASP A 23 6.77 2.67 -4.37
CA ASP A 23 7.41 3.31 -5.50
C ASP A 23 7.65 4.75 -5.09
N HIS A 24 8.29 5.58 -5.98
CA HIS A 24 8.66 6.97 -5.73
C HIS A 24 7.59 7.96 -6.15
N ARG A 25 6.32 7.47 -6.25
CA ARG A 25 5.10 8.19 -6.48
C ARG A 25 4.27 8.17 -5.21
N GLY A 26 4.44 7.11 -4.38
CA GLY A 26 3.63 6.84 -3.21
C GLY A 26 3.54 5.35 -3.12
N CYS A 27 2.42 4.85 -2.54
CA CYS A 27 2.08 3.45 -2.43
C CYS A 27 1.31 2.99 -3.65
N ILE A 28 1.58 1.71 -4.02
CA ILE A 28 0.86 0.86 -4.95
C ILE A 28 -0.12 0.06 -4.09
N CYS A 29 -1.37 -0.12 -4.56
CA CYS A 29 -2.43 -0.79 -3.85
C CYS A 29 -2.97 -1.88 -4.76
N GLU A 30 -2.77 -3.16 -4.34
CA GLU A 30 -3.26 -4.36 -5.00
C GLU A 30 -4.29 -4.99 -4.10
N SER A 31 -5.31 -5.64 -4.71
CA SER A 31 -6.40 -6.33 -4.04
C SER A 31 -6.06 -7.83 -3.95
N CYS A 1 7.18 6.14 3.19
CA CYS A 1 7.56 4.69 3.11
C CYS A 1 9.04 4.52 3.19
N THR A 2 9.51 3.26 2.98
CA THR A 2 10.92 2.94 2.82
C THR A 2 11.00 1.73 1.89
N THR A 3 10.13 0.69 2.07
CA THR A 3 10.23 -0.60 1.44
C THR A 3 8.97 -0.84 0.62
N SER A 4 7.87 -1.28 1.30
CA SER A 4 6.73 -1.97 0.72
C SER A 4 5.69 -2.13 1.80
N LYS A 5 6.11 -2.43 3.07
CA LYS A 5 5.30 -2.79 4.23
C LYS A 5 4.70 -1.61 4.97
N GLU A 6 4.84 -0.39 4.38
CA GLU A 6 4.34 0.89 4.83
C GLU A 6 3.22 1.32 3.90
N CYS A 7 2.89 0.43 2.92
CA CYS A 7 1.79 0.53 1.97
C CYS A 7 0.86 -0.64 2.23
N TRP A 8 0.94 -1.23 3.45
CA TRP A 8 0.05 -2.26 3.96
C TRP A 8 -0.75 -1.57 5.05
N SER A 9 -2.10 -1.67 4.98
CA SER A 9 -3.10 -0.99 5.80
C SER A 9 -3.28 0.47 5.36
N VAL A 10 -3.42 0.69 4.03
CA VAL A 10 -3.48 2.01 3.39
C VAL A 10 -4.77 2.07 2.61
N CYS A 11 -4.99 1.03 1.77
CA CYS A 11 -6.17 0.80 0.95
C CYS A 11 -6.89 -0.42 1.46
N GLN A 12 -6.37 -1.05 2.55
CA GLN A 12 -6.91 -2.20 3.26
C GLN A 12 -7.72 -1.72 4.44
N ARG A 13 -7.41 -0.47 4.89
CA ARG A 13 -8.06 0.29 5.94
C ARG A 13 -9.24 1.08 5.37
N LEU A 14 -9.14 1.51 4.09
CA LEU A 14 -10.10 2.37 3.41
C LEU A 14 -10.97 1.59 2.43
N HIS A 15 -10.34 0.99 1.38
CA HIS A 15 -11.01 0.54 0.16
C HIS A 15 -11.27 -0.96 0.10
N ASN A 16 -10.85 -1.73 1.15
CA ASN A 16 -11.21 -3.13 1.43
C ASN A 16 -10.34 -4.14 0.68
N THR A 17 -9.06 -3.80 0.37
CA THR A 17 -8.18 -4.56 -0.48
C THR A 17 -7.09 -5.16 0.40
N SER A 18 -5.94 -5.57 -0.20
CA SER A 18 -4.89 -6.34 0.45
C SER A 18 -3.64 -5.52 0.60
N LYS A 19 -2.59 -5.88 -0.18
CA LYS A 19 -1.21 -5.47 -0.03
C LYS A 19 -0.87 -4.25 -0.86
N GLY A 20 0.44 -3.90 -0.86
CA GLY A 20 0.98 -2.76 -1.54
C GLY A 20 2.46 -2.91 -1.58
N TRP A 21 3.11 -2.07 -2.41
CA TRP A 21 4.53 -1.84 -2.41
C TRP A 21 4.67 -0.36 -2.61
N CYS A 22 5.91 0.17 -2.54
CA CYS A 22 6.20 1.58 -2.66
C CYS A 22 7.14 1.74 -3.83
N ASP A 23 6.80 2.68 -4.76
CA ASP A 23 7.53 2.97 -5.98
C ASP A 23 8.44 4.18 -5.76
N HIS A 24 7.92 5.41 -6.00
CA HIS A 24 8.71 6.63 -5.99
C HIS A 24 7.82 7.72 -5.46
N ARG A 25 6.59 7.84 -6.05
CA ARG A 25 5.62 8.89 -5.85
C ARG A 25 4.72 8.64 -4.66
N GLY A 26 4.50 7.35 -4.29
CA GLY A 26 3.63 7.00 -3.19
C GLY A 26 3.47 5.52 -3.21
N CYS A 27 2.34 5.05 -2.61
CA CYS A 27 1.94 3.67 -2.46
C CYS A 27 1.14 3.17 -3.63
N ILE A 28 1.22 1.84 -3.83
CA ILE A 28 0.55 1.02 -4.81
C ILE A 28 -0.40 0.19 -3.97
N CYS A 29 -1.64 -0.04 -4.46
CA CYS A 29 -2.70 -0.73 -3.76
C CYS A 29 -3.18 -1.86 -4.65
N GLU A 30 -2.93 -3.13 -4.21
CA GLU A 30 -3.37 -4.36 -4.84
C GLU A 30 -4.45 -4.98 -3.99
N SER A 31 -5.35 -5.75 -4.64
CA SER A 31 -6.45 -6.48 -4.03
C SER A 31 -6.04 -7.95 -3.76
N CYS A 1 6.31 5.98 2.43
CA CYS A 1 6.90 4.63 2.38
C CYS A 1 8.39 4.69 2.11
N THR A 2 9.09 3.54 2.29
CA THR A 2 10.54 3.45 2.16
C THR A 2 10.89 2.07 1.63
N THR A 3 10.05 1.03 1.87
CA THR A 3 10.32 -0.36 1.51
C THR A 3 9.17 -0.89 0.68
N SER A 4 8.12 -1.41 1.35
CA SER A 4 7.02 -2.15 0.76
C SER A 4 5.94 -2.22 1.82
N LYS A 5 6.30 -2.48 3.10
CA LYS A 5 5.42 -2.81 4.21
C LYS A 5 4.89 -1.61 4.98
N GLU A 6 4.85 -0.42 4.30
CA GLU A 6 4.21 0.81 4.74
C GLU A 6 3.06 1.09 3.80
N CYS A 7 2.83 0.17 2.82
CA CYS A 7 1.80 0.20 1.81
C CYS A 7 0.90 -0.99 1.98
N TRP A 8 1.07 -1.74 3.11
CA TRP A 8 0.24 -2.86 3.52
C TRP A 8 -0.73 -2.31 4.56
N SER A 9 -2.05 -2.58 4.34
CA SER A 9 -3.21 -2.11 5.09
C SER A 9 -3.45 -0.60 5.03
N VAL A 10 -3.33 -0.02 3.81
CA VAL A 10 -3.31 1.41 3.51
C VAL A 10 -4.56 1.76 2.76
N CYS A 11 -4.95 0.87 1.81
CA CYS A 11 -6.18 0.90 1.04
C CYS A 11 -7.12 -0.19 1.52
N GLN A 12 -6.82 -0.85 2.68
CA GLN A 12 -7.68 -1.80 3.38
C GLN A 12 -8.42 -1.04 4.47
N ARG A 13 -7.74 0.03 4.97
CA ARG A 13 -8.14 1.06 5.90
C ARG A 13 -9.12 2.06 5.30
N LEU A 14 -9.04 2.26 3.96
CA LEU A 14 -9.89 3.13 3.16
C LEU A 14 -10.92 2.29 2.44
N HIS A 15 -10.48 1.34 1.58
CA HIS A 15 -11.31 0.54 0.68
C HIS A 15 -11.39 -0.89 1.19
N ASN A 16 -10.84 -1.89 0.44
CA ASN A 16 -10.93 -3.30 0.77
C ASN A 16 -9.86 -4.03 -0.03
N THR A 17 -8.62 -3.46 -0.11
CA THR A 17 -7.54 -3.97 -0.94
C THR A 17 -6.30 -3.98 -0.06
N SER A 18 -5.63 -5.16 0.01
CA SER A 18 -4.66 -5.57 1.01
C SER A 18 -3.26 -5.00 0.87
N LYS A 19 -2.42 -5.75 0.11
CA LYS A 19 -0.96 -5.68 0.02
C LYS A 19 -0.51 -4.62 -0.97
N GLY A 20 0.72 -4.08 -0.79
CA GLY A 20 1.25 -3.02 -1.61
C GLY A 20 2.73 -3.13 -1.67
N TRP A 21 3.35 -2.21 -2.44
CA TRP A 21 4.76 -1.96 -2.48
C TRP A 21 4.88 -0.47 -2.69
N CYS A 22 6.13 0.06 -2.59
CA CYS A 22 6.44 1.47 -2.65
C CYS A 22 7.13 1.75 -3.98
N ASP A 23 6.59 2.74 -4.75
CA ASP A 23 7.15 3.26 -5.98
C ASP A 23 7.86 4.57 -5.70
N HIS A 24 7.71 5.12 -4.45
CA HIS A 24 8.38 6.27 -3.87
C HIS A 24 7.80 7.61 -4.28
N ARG A 25 6.67 7.56 -5.03
CA ARG A 25 5.78 8.65 -5.39
C ARG A 25 4.54 8.55 -4.54
N GLY A 26 4.27 7.31 -4.04
CA GLY A 26 3.16 6.98 -3.19
C GLY A 26 3.25 5.50 -3.00
N CYS A 27 2.13 4.89 -2.55
CA CYS A 27 1.94 3.46 -2.36
C CYS A 27 1.14 2.90 -3.53
N ILE A 28 1.20 1.55 -3.65
CA ILE A 28 0.52 0.70 -4.59
C ILE A 28 -0.43 -0.10 -3.73
N CYS A 29 -1.65 -0.38 -4.24
CA CYS A 29 -2.70 -1.08 -3.54
C CYS A 29 -3.21 -2.16 -4.47
N GLU A 30 -3.02 -3.45 -4.08
CA GLU A 30 -3.44 -4.64 -4.80
C GLU A 30 -4.38 -5.37 -3.87
N SER A 31 -5.36 -6.11 -4.46
CA SER A 31 -6.41 -6.81 -3.74
C SER A 31 -5.87 -8.05 -3.00
N CYS A 1 5.92 6.65 1.88
CA CYS A 1 6.45 5.33 2.29
C CYS A 1 7.96 5.31 2.28
N THR A 2 8.54 4.19 2.78
CA THR A 2 9.97 3.94 2.80
C THR A 2 10.15 2.44 2.60
N THR A 3 9.16 1.61 3.05
CA THR A 3 9.17 0.16 2.98
C THR A 3 7.92 -0.27 2.23
N SER A 4 7.95 -1.53 1.73
CA SER A 4 6.91 -2.26 0.99
C SER A 4 5.73 -2.66 1.87
N LYS A 5 6.01 -2.92 3.19
CA LYS A 5 5.10 -3.38 4.21
C LYS A 5 4.43 -2.24 4.98
N GLU A 6 4.52 -1.00 4.42
CA GLU A 6 3.88 0.21 4.88
C GLU A 6 2.85 0.63 3.84
N CYS A 7 2.70 -0.20 2.78
CA CYS A 7 1.72 -0.07 1.71
C CYS A 7 0.79 -1.27 1.72
N TRP A 8 0.84 -2.09 2.81
CA TRP A 8 0.06 -3.31 3.01
C TRP A 8 -1.22 -3.03 3.76
N SER A 9 -1.25 -1.91 4.55
CA SER A 9 -2.37 -1.47 5.34
C SER A 9 -2.57 0.00 5.06
N VAL A 10 -2.76 0.37 3.76
CA VAL A 10 -2.86 1.73 3.28
C VAL A 10 -4.19 1.93 2.59
N CYS A 11 -4.54 0.96 1.70
CA CYS A 11 -5.72 0.91 0.87
C CYS A 11 -6.69 -0.13 1.36
N GLN A 12 -6.36 -0.87 2.45
CA GLN A 12 -7.26 -1.74 3.20
C GLN A 12 -7.53 -1.12 4.55
N ARG A 13 -7.22 0.20 4.65
CA ARG A 13 -7.66 1.15 5.65
C ARG A 13 -8.69 2.08 4.99
N LEU A 14 -8.91 1.91 3.65
CA LEU A 14 -9.81 2.68 2.82
C LEU A 14 -10.87 1.75 2.27
N HIS A 15 -10.45 0.60 1.66
CA HIS A 15 -11.29 -0.37 0.97
C HIS A 15 -11.58 -1.55 1.88
N ASN A 16 -10.85 -2.69 1.75
CA ASN A 16 -11.13 -3.86 2.57
C ASN A 16 -9.91 -4.74 2.69
N THR A 17 -9.35 -5.24 1.57
CA THR A 17 -8.20 -6.14 1.54
C THR A 17 -7.29 -5.65 0.45
N SER A 18 -5.99 -5.42 0.81
CA SER A 18 -4.98 -4.83 -0.04
C SER A 18 -3.62 -5.36 0.30
N LYS A 19 -2.73 -5.35 -0.73
CA LYS A 19 -1.30 -5.57 -0.65
C LYS A 19 -0.72 -4.35 -1.34
N GLY A 20 0.64 -4.25 -1.36
CA GLY A 20 1.27 -3.09 -1.95
C GLY A 20 2.76 -3.24 -1.87
N TRP A 21 3.46 -2.26 -2.48
CA TRP A 21 4.87 -2.05 -2.37
C TRP A 21 5.05 -0.56 -2.56
N CYS A 22 6.28 -0.06 -2.28
CA CYS A 22 6.63 1.34 -2.30
C CYS A 22 7.44 1.62 -3.55
N ASP A 23 6.93 2.56 -4.38
CA ASP A 23 7.59 3.17 -5.52
C ASP A 23 7.87 4.60 -5.10
N HIS A 24 8.54 5.41 -5.98
CA HIS A 24 9.02 6.76 -5.71
C HIS A 24 7.97 7.84 -5.96
N ARG A 25 6.70 7.42 -6.20
CA ARG A 25 5.51 8.21 -6.40
C ARG A 25 4.74 8.28 -5.09
N GLY A 26 4.64 7.10 -4.43
CA GLY A 26 3.87 6.87 -3.24
C GLY A 26 3.75 5.39 -3.12
N CYS A 27 2.67 4.92 -2.46
CA CYS A 27 2.29 3.52 -2.33
C CYS A 27 1.49 3.05 -3.55
N ILE A 28 1.76 1.78 -3.93
CA ILE A 28 1.04 0.96 -4.88
C ILE A 28 0.01 0.18 -4.09
N CYS A 29 -1.25 0.12 -4.59
CA CYS A 29 -2.35 -0.61 -3.99
C CYS A 29 -2.80 -1.63 -5.00
N GLU A 30 -2.82 -2.92 -4.56
CA GLU A 30 -3.27 -4.10 -5.29
C GLU A 30 -4.59 -4.56 -4.71
N SER A 31 -5.42 -3.57 -4.35
CA SER A 31 -6.78 -3.67 -3.84
C SER A 31 -7.74 -4.45 -4.76
N CYS A 1 7.84 6.89 0.62
CA CYS A 1 8.42 5.61 1.13
C CYS A 1 9.25 4.92 0.08
N THR A 2 9.92 3.81 0.46
CA THR A 2 10.82 3.05 -0.39
C THR A 2 10.79 1.59 0.06
N THR A 3 10.32 1.32 1.31
CA THR A 3 10.22 -0.01 1.91
C THR A 3 8.75 -0.37 1.95
N SER A 4 8.41 -1.63 1.51
CA SER A 4 7.10 -2.17 1.18
C SER A 4 6.08 -2.25 2.31
N LYS A 5 6.54 -2.24 3.59
CA LYS A 5 5.75 -2.34 4.81
C LYS A 5 5.32 -0.98 5.35
N GLU A 6 5.29 0.05 4.46
CA GLU A 6 4.87 1.42 4.74
C GLU A 6 3.64 1.72 3.89
N CYS A 7 3.03 0.67 3.26
CA CYS A 7 1.84 0.76 2.43
C CYS A 7 0.99 -0.46 2.69
N TRP A 8 1.07 -1.02 3.91
CA TRP A 8 0.20 -2.10 4.38
C TRP A 8 -0.84 -1.47 5.27
N SER A 9 -2.14 -1.80 5.00
CA SER A 9 -3.34 -1.27 5.65
C SER A 9 -3.60 0.19 5.29
N VAL A 10 -3.53 0.50 3.96
CA VAL A 10 -3.53 1.84 3.39
C VAL A 10 -4.78 2.02 2.59
N CYS A 11 -5.08 1.00 1.75
CA CYS A 11 -6.19 0.91 0.83
C CYS A 11 -7.05 -0.26 1.22
N GLN A 12 -6.66 -1.03 2.26
CA GLN A 12 -7.44 -2.07 2.91
C GLN A 12 -7.81 -1.63 4.30
N ARG A 13 -7.68 -0.29 4.55
CA ARG A 13 -8.30 0.47 5.62
C ARG A 13 -9.46 1.27 5.03
N LEU A 14 -9.41 1.54 3.69
CA LEU A 14 -10.36 2.33 2.92
C LEU A 14 -11.37 1.41 2.25
N HIS A 15 -10.88 0.35 1.56
CA HIS A 15 -11.66 -0.59 0.76
C HIS A 15 -11.91 -1.85 1.58
N ASN A 16 -11.12 -2.93 1.36
CA ASN A 16 -11.30 -4.18 2.08
C ASN A 16 -10.05 -5.01 2.06
N THR A 17 -9.54 -5.38 0.85
CA THR A 17 -8.36 -6.21 0.66
C THR A 17 -7.48 -5.49 -0.32
N SER A 18 -6.18 -5.33 0.07
CA SER A 18 -5.15 -4.67 -0.69
C SER A 18 -3.84 -5.30 -0.34
N LYS A 19 -2.94 -5.41 -1.36
CA LYS A 19 -1.57 -5.84 -1.23
C LYS A 19 -0.78 -4.66 -1.74
N GLY A 20 -0.06 -3.98 -0.81
CA GLY A 20 0.61 -2.72 -1.08
C GLY A 20 2.09 -2.86 -0.92
N TRP A 21 2.82 -2.10 -1.77
CA TRP A 21 4.25 -1.91 -1.70
C TRP A 21 4.46 -0.45 -1.97
N CYS A 22 5.74 0.00 -1.85
CA CYS A 22 6.20 1.34 -2.07
C CYS A 22 7.04 1.32 -3.32
N ASP A 23 6.92 2.39 -4.14
CA ASP A 23 7.76 2.68 -5.29
C ASP A 23 8.74 3.75 -4.85
N HIS A 24 8.35 5.05 -4.94
CA HIS A 24 9.18 6.18 -4.60
C HIS A 24 8.27 7.30 -4.17
N ARG A 25 7.21 7.55 -4.98
CA ARG A 25 6.27 8.66 -4.92
C ARG A 25 5.16 8.50 -3.90
N GLY A 26 4.86 7.22 -3.52
CA GLY A 26 3.77 6.90 -2.63
C GLY A 26 3.59 5.43 -2.66
N CYS A 27 2.33 5.00 -2.40
CA CYS A 27 1.87 3.63 -2.35
C CYS A 27 1.29 3.18 -3.67
N ILE A 28 1.25 1.84 -3.82
CA ILE A 28 0.68 1.07 -4.90
C ILE A 28 -0.40 0.27 -4.20
N CYS A 29 -1.68 0.40 -4.63
CA CYS A 29 -2.82 -0.28 -4.03
C CYS A 29 -3.36 -1.25 -5.06
N GLU A 30 -3.23 -2.58 -4.77
CA GLU A 30 -3.73 -3.68 -5.57
C GLU A 30 -4.86 -4.34 -4.81
N SER A 31 -5.13 -5.63 -5.14
CA SER A 31 -6.09 -6.49 -4.47
C SER A 31 -5.32 -7.43 -3.54
N CYS A 1 6.37 6.64 1.81
CA CYS A 1 6.86 5.28 2.16
C CYS A 1 8.35 5.18 2.10
N THR A 2 8.90 4.02 2.56
CA THR A 2 10.32 3.74 2.61
C THR A 2 10.48 2.25 2.28
N THR A 3 9.50 1.41 2.71
CA THR A 3 9.48 -0.02 2.54
C THR A 3 8.13 -0.38 1.93
N SER A 4 7.99 -1.67 1.51
CA SER A 4 6.80 -2.32 0.99
C SER A 4 5.75 -2.59 2.06
N LYS A 5 6.21 -2.72 3.33
CA LYS A 5 5.45 -2.98 4.56
C LYS A 5 4.91 -1.71 5.20
N GLU A 6 5.19 -0.54 4.57
CA GLU A 6 4.71 0.79 4.91
C GLU A 6 3.52 1.14 3.99
N CYS A 7 3.27 0.27 2.98
CA CYS A 7 2.17 0.33 2.03
C CYS A 7 1.26 -0.86 2.25
N TRP A 8 1.30 -1.47 3.46
CA TRP A 8 0.35 -2.47 3.92
C TRP A 8 -0.48 -1.78 4.96
N SER A 9 -1.84 -1.94 4.85
CA SER A 9 -2.86 -1.33 5.69
C SER A 9 -3.03 0.15 5.36
N VAL A 10 -3.28 0.46 4.05
CA VAL A 10 -3.25 1.78 3.47
C VAL A 10 -4.55 2.00 2.75
N CYS A 11 -4.85 1.06 1.82
CA CYS A 11 -6.03 1.02 0.98
C CYS A 11 -6.88 -0.16 1.35
N GLN A 12 -6.48 -0.93 2.40
CA GLN A 12 -7.27 -1.95 3.06
C GLN A 12 -7.65 -1.44 4.44
N ARG A 13 -7.49 -0.10 4.64
CA ARG A 13 -8.11 0.72 5.66
C ARG A 13 -9.10 1.67 5.00
N LEU A 14 -9.19 1.65 3.64
CA LEU A 14 -10.10 2.44 2.81
C LEU A 14 -11.12 1.51 2.20
N HIS A 15 -10.65 0.35 1.66
CA HIS A 15 -11.45 -0.66 0.98
C HIS A 15 -11.60 -1.85 1.91
N ASN A 16 -10.96 -3.01 1.63
CA ASN A 16 -11.09 -4.21 2.42
C ASN A 16 -9.79 -4.97 2.40
N THR A 17 -9.34 -5.44 1.21
CA THR A 17 -8.11 -6.18 1.01
C THR A 17 -7.35 -5.46 -0.07
N SER A 18 -6.07 -5.12 0.23
CA SER A 18 -5.16 -4.44 -0.66
C SER A 18 -3.77 -4.94 -0.43
N LYS A 19 -3.03 -5.19 -1.55
CA LYS A 19 -1.65 -5.63 -1.59
C LYS A 19 -0.87 -4.46 -2.15
N GLY A 20 0.11 -3.95 -1.36
CA GLY A 20 0.82 -2.73 -1.67
C GLY A 20 2.29 -2.92 -1.52
N TRP A 21 3.04 -2.08 -2.26
CA TRP A 21 4.48 -1.96 -2.22
C TRP A 21 4.75 -0.50 -2.49
N CYS A 22 6.04 -0.09 -2.35
CA CYS A 22 6.52 1.27 -2.46
C CYS A 22 7.35 1.35 -3.72
N ASP A 23 7.05 2.36 -4.58
CA ASP A 23 7.77 2.65 -5.82
C ASP A 23 8.68 3.83 -5.59
N HIS A 24 8.18 5.08 -5.83
CA HIS A 24 8.97 6.28 -5.84
C HIS A 24 8.06 7.41 -5.43
N ARG A 25 6.85 7.46 -6.05
CA ARG A 25 5.83 8.49 -5.95
C ARG A 25 4.95 8.37 -4.71
N GLY A 26 4.88 7.15 -4.12
CA GLY A 26 4.04 6.84 -3.00
C GLY A 26 3.84 5.36 -3.00
N CYS A 27 2.71 4.93 -2.41
CA CYS A 27 2.26 3.55 -2.30
C CYS A 27 1.42 3.16 -3.50
N ILE A 28 1.36 1.83 -3.73
CA ILE A 28 0.65 1.12 -4.77
C ILE A 28 -0.45 0.39 -4.01
N CYS A 29 -1.69 0.35 -4.56
CA CYS A 29 -2.83 -0.29 -3.96
C CYS A 29 -3.45 -1.16 -5.01
N GLU A 30 -3.45 -2.50 -4.76
CA GLU A 30 -4.02 -3.54 -5.61
C GLU A 30 -5.12 -4.20 -4.81
N SER A 31 -5.41 -5.48 -5.15
CA SER A 31 -6.32 -6.35 -4.43
C SER A 31 -5.45 -7.32 -3.60
N CYS A 1 5.63 6.36 2.15
CA CYS A 1 6.18 5.01 2.41
C CYS A 1 7.68 5.01 2.37
N THR A 2 8.30 4.10 3.17
CA THR A 2 9.72 3.86 3.28
C THR A 2 10.01 2.51 2.64
N THR A 3 9.24 1.47 3.03
CA THR A 3 9.36 0.08 2.59
C THR A 3 8.03 -0.32 1.98
N SER A 4 7.97 -1.59 1.48
CA SER A 4 6.83 -2.27 0.84
C SER A 4 5.70 -2.60 1.79
N LYS A 5 6.02 -2.78 3.11
CA LYS A 5 5.13 -3.17 4.20
C LYS A 5 4.50 -1.98 4.89
N GLU A 6 4.48 -0.80 4.21
CA GLU A 6 3.84 0.43 4.63
C GLU A 6 2.63 0.67 3.73
N CYS A 7 2.48 -0.19 2.68
CA CYS A 7 1.47 -0.10 1.65
C CYS A 7 0.53 -1.29 1.73
N TRP A 8 0.57 -2.05 2.86
CA TRP A 8 -0.23 -3.23 3.14
C TRP A 8 -1.43 -2.86 4.00
N SER A 9 -1.32 -1.72 4.73
CA SER A 9 -2.36 -1.15 5.56
C SER A 9 -2.45 0.31 5.15
N VAL A 10 -2.82 0.58 3.86
CA VAL A 10 -2.93 1.91 3.29
C VAL A 10 -4.26 1.99 2.59
N CYS A 11 -4.56 1.00 1.72
CA CYS A 11 -5.77 0.85 0.93
C CYS A 11 -6.59 -0.31 1.48
N GLN A 12 -6.12 -0.95 2.59
CA GLN A 12 -6.82 -1.95 3.38
C GLN A 12 -7.48 -1.25 4.55
N ARG A 13 -6.85 -0.13 5.00
CA ARG A 13 -7.21 0.74 6.10
C ARG A 13 -8.21 1.80 5.67
N LEU A 14 -8.19 2.19 4.36
CA LEU A 14 -9.07 3.18 3.76
C LEU A 14 -10.16 2.50 2.97
N HIS A 15 -9.78 1.55 2.05
CA HIS A 15 -10.69 0.86 1.14
C HIS A 15 -10.88 -0.57 1.61
N ASN A 16 -10.70 -1.59 0.73
CA ASN A 16 -11.09 -2.97 1.00
C ASN A 16 -10.18 -3.90 0.22
N THR A 17 -8.87 -3.56 0.08
CA THR A 17 -7.91 -4.30 -0.70
C THR A 17 -6.91 -4.91 0.27
N SER A 18 -5.74 -5.36 -0.24
CA SER A 18 -4.80 -6.21 0.48
C SER A 18 -3.45 -5.55 0.51
N LYS A 19 -2.52 -6.06 -0.33
CA LYS A 19 -1.08 -5.86 -0.33
C LYS A 19 -0.67 -4.63 -1.12
N GLY A 20 0.64 -4.35 -1.18
CA GLY A 20 1.17 -3.22 -1.90
C GLY A 20 2.66 -3.30 -1.85
N TRP A 21 3.32 -2.34 -2.55
CA TRP A 21 4.73 -2.08 -2.47
C TRP A 21 4.86 -0.59 -2.65
N CYS A 22 6.09 -0.06 -2.42
CA CYS A 22 6.39 1.36 -2.42
C CYS A 22 7.18 1.67 -3.67
N ASP A 23 6.66 2.63 -4.49
CA ASP A 23 7.32 3.26 -5.60
C ASP A 23 7.62 4.68 -5.12
N HIS A 24 8.33 5.50 -5.94
CA HIS A 24 8.85 6.82 -5.59
C HIS A 24 7.88 7.96 -5.88
N ARG A 25 6.57 7.63 -5.92
CA ARG A 25 5.43 8.50 -6.09
C ARG A 25 4.60 8.42 -4.83
N GLY A 26 4.36 7.17 -4.36
CA GLY A 26 3.52 6.86 -3.24
C GLY A 26 3.43 5.37 -3.18
N CYS A 27 2.32 4.86 -2.59
CA CYS A 27 2.01 3.44 -2.47
C CYS A 27 1.26 2.94 -3.69
N ILE A 28 1.54 1.66 -4.03
CA ILE A 28 0.85 0.77 -4.95
C ILE A 28 -0.11 -0.03 -4.09
N CYS A 29 -1.39 -0.19 -4.54
CA CYS A 29 -2.45 -0.86 -3.84
C CYS A 29 -2.97 -1.95 -4.75
N GLU A 30 -2.78 -3.23 -4.32
CA GLU A 30 -3.24 -4.44 -4.99
C GLU A 30 -4.31 -5.06 -4.14
N SER A 31 -5.29 -5.73 -4.78
CA SER A 31 -6.43 -6.38 -4.16
C SER A 31 -6.07 -7.82 -3.76
#